data_6MYD
#
_entry.id   6MYD
#
_cell.length_a   46.621
_cell.length_b   84.377
_cell.length_c   53.720
_cell.angle_alpha   90.00
_cell.angle_beta   115.42
_cell.angle_gamma   90.00
#
_symmetry.space_group_name_H-M   'P 1 21 1'
#
loop_
_entity.id
_entity.type
_entity.pdbx_description
1 polymer 'TNF receptor-associated factor 6'
2 polymer 'STING CTT, Transmembrane protein 173'
3 non-polymer 'SULFATE ION'
4 water water
#
loop_
_entity_poly.entity_id
_entity_poly.type
_entity_poly.pdbx_seq_one_letter_code
_entity_poly.pdbx_strand_id
1 'polypeptide(L)'
;SAQQYQGIYVWRVENFSHHLRNQEAGQPIVLHSPPFYTGRPGYKLCLRLHLQTPSAPRCSNFISLFVHTMQGEFDSQLSW
PLQGTIRLAVLDQVEGQHHIEVMETKPDLQAFQRPTVMRNPKGFGYVTFLHLQALRQRGFVKEDVLLVRCEVTPRFD
;
A,C
2 'polypeptide(L)' EPVETTDY B,D
#
# COMPACT_ATOMS: atom_id res chain seq x y z
N SER A 1 21.67 24.36 -7.30
CA SER A 1 22.99 23.99 -7.77
C SER A 1 23.07 22.49 -8.10
N ALA A 2 24.12 22.12 -8.84
CA ALA A 2 24.26 20.73 -9.28
C ALA A 2 24.34 19.77 -8.11
N GLN A 3 24.97 20.19 -7.01
CA GLN A 3 25.11 19.29 -5.87
C GLN A 3 23.76 18.93 -5.25
N GLN A 4 22.73 19.74 -5.51
CA GLN A 4 21.40 19.47 -4.97
C GLN A 4 20.72 18.31 -5.67
N TYR A 5 21.29 17.81 -6.77
CA TYR A 5 20.71 16.73 -7.55
C TYR A 5 21.69 15.59 -7.78
N GLN A 6 22.79 15.55 -7.04
CA GLN A 6 23.86 14.58 -7.31
C GLN A 6 23.51 13.17 -6.86
N GLY A 7 22.49 13.01 -6.03
CA GLY A 7 22.15 11.68 -5.53
C GLY A 7 21.49 10.82 -6.59
N ILE A 8 21.63 9.51 -6.41
CA ILE A 8 20.89 8.52 -7.18
C ILE A 8 20.48 7.44 -6.19
N TYR A 9 19.21 7.06 -6.19
CA TYR A 9 18.72 6.05 -5.26
C TYR A 9 18.38 4.77 -6.00
N VAL A 10 18.87 3.65 -5.48
CA VAL A 10 18.49 2.33 -5.99
C VAL A 10 17.74 1.59 -4.88
N TRP A 11 16.46 1.37 -5.10
CA TRP A 11 15.61 0.65 -4.17
C TRP A 11 15.71 -0.84 -4.48
N ARG A 12 16.21 -1.60 -3.51
CA ARG A 12 16.33 -3.06 -3.64
C ARG A 12 15.08 -3.69 -3.05
N VAL A 13 14.22 -4.20 -3.91
CA VAL A 13 12.98 -4.86 -3.50
C VAL A 13 13.29 -6.36 -3.46
N GLU A 14 13.52 -6.88 -2.26
CA GLU A 14 13.89 -8.27 -2.08
C GLU A 14 12.65 -9.17 -2.01
N ASN A 15 12.89 -10.47 -2.20
CA ASN A 15 11.83 -11.49 -2.15
C ASN A 15 10.66 -11.14 -3.05
N PHE A 16 10.99 -10.71 -4.27
CA PHE A 16 9.96 -10.23 -5.18
C PHE A 16 8.92 -11.31 -5.47
N SER A 17 9.35 -12.58 -5.54
CA SER A 17 8.43 -13.66 -5.83
C SER A 17 7.29 -13.74 -4.82
N HIS A 18 7.55 -13.31 -3.58
CA HIS A 18 6.49 -13.33 -2.56
C HIS A 18 5.36 -12.40 -2.97
N HIS A 19 5.70 -11.18 -3.39
CA HIS A 19 4.69 -10.24 -3.82
C HIS A 19 3.96 -10.76 -5.05
N LEU A 20 4.73 -11.35 -5.98
CA LEU A 20 4.14 -11.86 -7.21
C LEU A 20 3.12 -12.95 -6.92
N ARG A 21 3.47 -13.89 -6.03
CA ARG A 21 2.54 -14.96 -5.71
C ARG A 21 1.26 -14.40 -5.09
N ASN A 22 1.39 -13.37 -4.25
CA ASN A 22 0.19 -12.74 -3.69
C ASN A 22 -0.59 -12.01 -4.77
N GLN A 23 0.10 -11.31 -5.67
CA GLN A 23 -0.59 -10.64 -6.76
C GLN A 23 -1.35 -11.63 -7.63
N GLU A 24 -0.74 -12.76 -7.95
CA GLU A 24 -1.42 -13.79 -8.73
C GLU A 24 -2.67 -14.32 -8.02
N ALA A 25 -2.69 -14.28 -6.69
CA ALA A 25 -3.84 -14.69 -5.92
C ALA A 25 -4.89 -13.60 -5.80
N GLY A 26 -4.71 -12.48 -6.51
CA GLY A 26 -5.68 -11.41 -6.50
C GLY A 26 -5.49 -10.37 -5.43
N GLN A 27 -4.33 -10.34 -4.76
CA GLN A 27 -4.05 -9.33 -3.75
C GLN A 27 -3.35 -8.13 -4.38
N PRO A 28 -3.91 -6.93 -4.25
CA PRO A 28 -3.12 -5.74 -4.58
C PRO A 28 -1.85 -5.72 -3.73
N ILE A 29 -0.75 -5.26 -4.32
CA ILE A 29 0.51 -5.07 -3.60
C ILE A 29 0.84 -3.59 -3.66
N VAL A 30 1.19 -3.01 -2.52
CA VAL A 30 1.71 -1.64 -2.48
C VAL A 30 2.92 -1.64 -1.56
N LEU A 31 4.02 -1.10 -2.05
CA LEU A 31 5.29 -1.04 -1.32
C LEU A 31 5.74 0.40 -1.25
N HIS A 32 6.31 0.77 -0.12
CA HIS A 32 6.79 2.12 0.13
C HIS A 32 8.29 2.06 0.41
N SER A 33 9.06 2.87 -0.33
CA SER A 33 10.52 2.77 -0.24
C SER A 33 11.07 3.53 0.97
N PRO A 34 12.30 3.23 1.37
CA PRO A 34 13.02 4.15 2.27
C PRO A 34 13.16 5.53 1.64
N PRO A 35 13.35 6.58 2.43
CA PRO A 35 13.56 7.91 1.87
C PRO A 35 14.97 8.06 1.30
N PHE A 36 15.13 9.09 0.48
CA PHE A 36 16.44 9.41 -0.07
C PHE A 36 16.46 10.89 -0.40
N TYR A 37 17.64 11.46 -0.40
CA TYR A 37 17.81 12.87 -0.74
C TYR A 37 18.38 13.00 -2.14
N THR A 38 17.84 13.96 -2.90
CA THR A 38 18.42 14.26 -4.21
C THR A 38 19.83 14.80 -4.10
N GLY A 39 20.19 15.36 -2.95
CA GLY A 39 21.51 15.92 -2.71
C GLY A 39 21.57 16.40 -1.28
N ARG A 40 22.74 16.88 -0.90
CA ARG A 40 22.95 17.51 0.41
C ARG A 40 23.56 18.88 0.18
N PRO A 41 22.81 19.98 0.31
CA PRO A 41 21.38 20.00 0.64
C PRO A 41 20.57 19.53 -0.57
N GLY A 42 19.32 19.13 -0.34
CA GLY A 42 18.50 18.62 -1.42
C GLY A 42 17.16 18.15 -0.88
N TYR A 43 16.33 17.64 -1.79
CA TYR A 43 14.95 17.29 -1.49
C TYR A 43 14.87 15.85 -1.00
N LYS A 44 14.03 15.63 0.00
CA LYS A 44 13.75 14.29 0.50
C LYS A 44 12.57 13.70 -0.25
N LEU A 45 12.78 12.51 -0.82
CA LEU A 45 11.77 11.84 -1.63
C LEU A 45 11.59 10.42 -1.13
N CYS A 46 10.51 9.80 -1.61
CA CYS A 46 10.32 8.36 -1.47
C CYS A 46 9.57 7.86 -2.69
N LEU A 47 9.51 6.55 -2.83
CA LEU A 47 8.81 5.91 -3.94
C LEU A 47 7.68 5.04 -3.43
N ARG A 48 6.66 4.89 -4.26
CA ARG A 48 5.52 4.01 -4.01
C ARG A 48 5.36 3.12 -5.23
N LEU A 49 5.34 1.81 -5.03
CA LEU A 49 5.22 0.87 -6.12
C LEU A 49 3.99 0.01 -5.89
N HIS A 50 3.21 -0.20 -6.93
CA HIS A 50 2.05 -1.10 -6.89
C HIS A 50 2.28 -2.27 -7.83
N LEU A 51 1.80 -3.44 -7.43
CA LEU A 51 1.42 -4.49 -8.39
C LEU A 51 -0.10 -4.50 -8.45
N GLN A 52 -0.65 -4.17 -9.61
CA GLN A 52 -2.08 -4.18 -9.80
C GLN A 52 -2.56 -5.61 -9.98
N THR A 53 -3.79 -5.88 -9.52
CA THR A 53 -4.30 -7.24 -9.57
C THR A 53 -4.58 -7.69 -11.00
N PRO A 54 -4.80 -8.99 -11.20
CA PRO A 54 -5.10 -9.47 -12.57
C PRO A 54 -6.41 -8.96 -13.14
N SER A 55 -7.31 -8.37 -12.33
CA SER A 55 -8.59 -7.90 -12.83
C SER A 55 -8.78 -6.40 -12.75
N ALA A 56 -7.78 -5.64 -12.34
CA ALA A 56 -7.91 -4.19 -12.23
C ALA A 56 -8.23 -3.59 -13.59
N PRO A 57 -9.33 -2.85 -13.73
CA PRO A 57 -9.62 -2.19 -15.01
C PRO A 57 -8.49 -1.28 -15.43
N ARG A 58 -8.18 -1.33 -16.74
CA ARG A 58 -7.25 -0.42 -17.40
C ARG A 58 -5.78 -0.68 -17.10
N CYS A 59 -5.47 -1.37 -15.98
CA CYS A 59 -4.07 -1.53 -15.60
C CYS A 59 -3.78 -2.89 -14.97
N SER A 60 -4.56 -3.92 -15.26
CA SER A 60 -4.30 -5.24 -14.72
C SER A 60 -2.86 -5.70 -14.98
N ASN A 61 -2.24 -6.25 -13.93
CA ASN A 61 -0.94 -6.91 -14.02
C ASN A 61 0.21 -5.95 -14.28
N PHE A 62 0.00 -4.65 -14.05
CA PHE A 62 1.09 -3.67 -14.16
C PHE A 62 1.76 -3.40 -12.81
N ILE A 63 3.06 -3.11 -12.90
CA ILE A 63 3.74 -2.32 -11.90
C ILE A 63 3.39 -0.86 -12.12
N SER A 64 2.97 -0.18 -11.05
CA SER A 64 2.79 1.27 -11.02
C SER A 64 3.88 1.85 -10.14
N LEU A 65 4.38 3.03 -10.49
CA LEU A 65 5.48 3.63 -9.75
C LEU A 65 5.30 5.13 -9.65
N PHE A 66 5.34 5.66 -8.42
CA PHE A 66 5.12 7.07 -8.15
C PHE A 66 6.18 7.60 -7.21
N VAL A 67 6.57 8.87 -7.44
CA VAL A 67 7.47 9.62 -6.56
C VAL A 67 6.64 10.53 -5.65
N HIS A 68 7.02 10.59 -4.37
CA HIS A 68 6.41 11.48 -3.38
C HIS A 68 7.46 12.33 -2.69
N THR A 69 7.15 13.62 -2.54
CA THR A 69 8.01 14.46 -1.71
C THR A 69 7.75 14.19 -0.22
N MET A 70 8.75 14.51 0.57
CA MET A 70 8.68 14.39 2.03
C MET A 70 9.23 15.66 2.67
N GLN A 71 8.89 15.86 3.95
CA GLN A 71 9.53 16.91 4.73
C GLN A 71 10.96 16.51 5.03
N GLY A 72 11.92 17.33 4.59
CA GLY A 72 13.33 17.01 4.69
C GLY A 72 14.09 18.03 5.51
N GLU A 73 15.33 17.65 5.86
CA GLU A 73 16.14 18.45 6.77
C GLU A 73 16.54 19.80 6.17
N PHE A 74 16.62 19.90 4.85
CA PHE A 74 17.11 21.09 4.18
C PHE A 74 16.01 21.99 3.64
N ASP A 75 14.74 21.68 3.93
CA ASP A 75 13.62 22.30 3.23
C ASP A 75 13.66 23.82 3.28
N SER A 76 14.11 24.41 4.40
CA SER A 76 14.12 25.86 4.53
C SER A 76 15.02 26.53 3.52
N GLN A 77 16.02 25.83 3.00
CA GLN A 77 16.97 26.45 2.07
C GLN A 77 16.80 25.98 0.64
N LEU A 78 15.67 25.35 0.31
CA LEU A 78 15.37 24.91 -1.04
C LEU A 78 14.30 25.78 -1.67
N SER A 79 14.40 25.93 -3.00
CA SER A 79 13.29 26.49 -3.74
C SER A 79 12.14 25.49 -3.81
N TRP A 80 10.92 26.01 -3.84
CA TRP A 80 9.73 25.20 -3.99
C TRP A 80 8.84 25.85 -5.04
N PRO A 81 8.16 25.08 -5.89
CA PRO A 81 8.14 23.61 -5.90
C PRO A 81 9.44 22.97 -6.42
N LEU A 82 9.56 21.67 -6.18
CA LEU A 82 10.64 20.91 -6.78
C LEU A 82 10.49 20.93 -8.29
N GLN A 83 11.53 21.33 -8.99
CA GLN A 83 11.51 21.39 -10.44
C GLN A 83 12.73 20.70 -11.02
N GLY A 84 12.51 19.94 -12.08
CA GLY A 84 13.58 19.21 -12.71
C GLY A 84 13.02 18.08 -13.56
N THR A 85 13.91 17.13 -13.86
CA THR A 85 13.57 15.95 -14.65
C THR A 85 13.81 14.73 -13.77
N ILE A 86 12.81 13.85 -13.68
CA ILE A 86 12.91 12.66 -12.86
C ILE A 86 12.99 11.44 -13.77
N ARG A 87 13.98 10.60 -13.54
CA ARG A 87 14.17 9.37 -14.31
C ARG A 87 13.93 8.17 -13.41
N LEU A 88 12.94 7.35 -13.76
CA LEU A 88 12.57 6.16 -13.00
C LEU A 88 12.92 4.93 -13.83
N ALA A 89 13.59 3.96 -13.22
CA ALA A 89 14.05 2.80 -13.97
C ALA A 89 13.85 1.51 -13.20
N VAL A 90 13.57 0.44 -13.93
CA VAL A 90 13.78 -0.91 -13.46
C VAL A 90 15.06 -1.41 -14.13
N LEU A 91 16.02 -1.85 -13.34
CA LEU A 91 17.36 -2.12 -13.83
C LEU A 91 17.52 -3.55 -14.35
N ASP A 92 18.20 -3.67 -15.49
CA ASP A 92 18.68 -4.93 -16.02
C ASP A 92 20.06 -5.15 -15.41
N GLN A 93 20.16 -6.08 -14.45
CA GLN A 93 21.37 -6.26 -13.67
C GLN A 93 22.53 -6.88 -14.46
N VAL A 94 22.32 -7.37 -15.69
CA VAL A 94 23.38 -8.02 -16.46
C VAL A 94 23.62 -7.35 -17.81
N GLU A 95 22.57 -7.11 -18.58
CA GLU A 95 22.74 -6.61 -19.95
C GLU A 95 22.60 -5.10 -20.08
N GLY A 96 22.24 -4.40 -19.01
CA GLY A 96 22.13 -2.95 -19.05
C GLY A 96 20.95 -2.40 -19.80
N GLN A 97 20.04 -3.26 -20.27
CA GLN A 97 18.86 -2.82 -21.02
C GLN A 97 17.74 -2.43 -20.05
N HIS A 98 17.99 -1.35 -19.31
CA HIS A 98 17.04 -0.90 -18.30
C HIS A 98 15.74 -0.41 -18.93
N HIS A 99 14.65 -0.53 -18.17
CA HIS A 99 13.37 0.06 -18.54
C HIS A 99 13.27 1.41 -17.84
N ILE A 100 13.30 2.50 -18.61
CA ILE A 100 13.44 3.85 -18.10
C ILE A 100 12.28 4.70 -18.60
N GLU A 101 11.66 5.43 -17.68
CA GLU A 101 10.76 6.52 -18.01
C GLU A 101 11.37 7.82 -17.54
N VAL A 102 11.23 8.86 -18.35
CA VAL A 102 11.75 10.19 -18.04
C VAL A 102 10.55 11.13 -17.93
N MET A 103 10.45 11.88 -16.82
CA MET A 103 9.32 12.78 -16.70
C MET A 103 9.77 14.11 -16.13
N GLU A 104 9.24 15.20 -16.69
CA GLU A 104 9.48 16.51 -16.14
C GLU A 104 8.46 16.86 -15.07
N THR A 105 8.91 17.60 -14.07
CA THR A 105 8.00 18.10 -13.04
C THR A 105 7.02 19.10 -13.66
N LYS A 106 5.93 19.34 -12.94
CA LYS A 106 4.92 20.32 -13.32
C LYS A 106 4.74 21.23 -12.11
N PRO A 107 5.01 22.53 -12.24
CA PRO A 107 5.04 23.39 -11.03
C PRO A 107 3.69 23.63 -10.40
N ASP A 108 2.58 23.32 -11.07
CA ASP A 108 1.25 23.58 -10.56
C ASP A 108 0.63 22.38 -9.86
N LEU A 109 1.35 21.28 -9.72
CA LEU A 109 0.82 20.07 -9.10
C LEU A 109 1.19 20.00 -7.62
N GLN A 110 0.22 19.54 -6.81
CA GLN A 110 0.47 19.37 -5.39
C GLN A 110 1.62 18.39 -5.13
N ALA A 111 1.83 17.42 -6.03
CA ALA A 111 2.89 16.44 -5.81
C ALA A 111 4.27 17.07 -5.69
N PHE A 112 4.50 18.27 -6.21
CA PHE A 112 5.83 18.84 -6.20
C PHE A 112 5.99 19.97 -5.19
N GLN A 113 4.98 20.20 -4.36
CA GLN A 113 5.09 21.11 -3.24
C GLN A 113 5.68 20.39 -2.03
N ARG A 114 6.12 21.17 -1.06
CA ARG A 114 6.53 20.59 0.21
C ARG A 114 5.28 20.23 1.01
N PRO A 115 5.16 18.99 1.49
CA PRO A 115 3.93 18.59 2.16
C PRO A 115 3.84 19.15 3.57
N THR A 116 2.60 19.27 4.04
CA THR A 116 2.36 19.72 5.40
C THR A 116 2.35 18.57 6.39
N VAL A 117 2.46 17.34 5.89
CA VAL A 117 2.70 16.15 6.68
C VAL A 117 4.03 15.56 6.23
N MET A 118 4.48 14.52 6.94
CA MET A 118 5.80 13.95 6.66
C MET A 118 5.93 13.49 5.22
N ARG A 119 4.88 12.90 4.66
CA ARG A 119 4.93 12.35 3.31
C ARG A 119 3.75 12.89 2.51
N ASN A 120 4.04 13.43 1.33
CA ASN A 120 2.99 14.03 0.51
C ASN A 120 2.00 12.95 0.12
N PRO A 121 0.70 13.13 0.38
CA PRO A 121 -0.27 12.12 -0.10
C PRO A 121 -0.34 12.06 -1.62
N LYS A 122 -0.04 13.17 -2.29
CA LYS A 122 -0.08 13.21 -3.75
C LYS A 122 1.29 12.83 -4.27
N GLY A 123 1.31 11.89 -5.22
CA GLY A 123 2.54 11.46 -5.85
C GLY A 123 2.40 11.61 -7.35
N PHE A 124 3.52 11.47 -8.06
CA PHE A 124 3.54 11.64 -9.50
C PHE A 124 4.28 10.48 -10.15
N GLY A 125 3.70 9.93 -11.22
CA GLY A 125 4.35 8.80 -11.87
C GLY A 125 3.41 8.06 -12.80
N TYR A 126 3.66 6.76 -12.92
CA TYR A 126 3.07 5.96 -13.99
C TYR A 126 2.20 4.86 -13.40
N VAL A 127 0.92 4.85 -13.77
CA VAL A 127 0.04 3.73 -13.47
C VAL A 127 0.49 2.50 -14.24
N THR A 128 0.85 2.68 -15.51
CA THR A 128 1.28 1.55 -16.32
C THR A 128 2.79 1.63 -16.54
N PHE A 129 3.56 1.51 -15.44
CA PHE A 129 5.01 1.68 -15.56
C PHE A 129 5.67 0.53 -16.30
N LEU A 130 5.38 -0.70 -15.90
CA LEU A 130 5.98 -1.87 -16.53
C LEU A 130 5.07 -3.07 -16.31
N HIS A 131 4.70 -3.75 -17.38
CA HIS A 131 3.81 -4.89 -17.23
C HIS A 131 4.56 -6.10 -16.67
N LEU A 132 3.89 -6.85 -15.79
CA LEU A 132 4.54 -8.02 -15.19
C LEU A 132 4.98 -9.05 -16.21
N GLN A 133 4.23 -9.23 -17.30
CA GLN A 133 4.65 -10.17 -18.34
C GLN A 133 5.90 -9.69 -19.05
N ALA A 134 6.05 -8.37 -19.22
CA ALA A 134 7.29 -7.84 -19.79
C ALA A 134 8.44 -7.98 -18.83
N LEU A 135 8.20 -7.76 -17.53
CA LEU A 135 9.23 -7.98 -16.53
C LEU A 135 9.71 -9.42 -16.57
N ARG A 136 8.77 -10.36 -16.65
CA ARG A 136 9.14 -11.77 -16.65
C ARG A 136 9.93 -12.11 -17.90
N GLN A 137 9.46 -11.63 -19.06
CA GLN A 137 10.09 -12.02 -20.32
C GLN A 137 11.51 -11.49 -20.42
N ARG A 138 11.76 -10.33 -19.82
CA ARG A 138 13.10 -9.74 -19.85
C ARG A 138 14.02 -10.28 -18.78
N GLY A 139 13.48 -10.91 -17.73
CA GLY A 139 14.31 -11.44 -16.68
C GLY A 139 14.96 -10.43 -15.76
N PHE A 140 14.33 -9.27 -15.57
CA PHE A 140 14.91 -8.20 -14.75
C PHE A 140 15.14 -8.66 -13.31
N VAL A 141 14.28 -9.53 -12.80
CA VAL A 141 14.40 -10.00 -11.42
C VAL A 141 15.48 -11.06 -11.37
N LYS A 142 16.51 -10.82 -10.56
CA LYS A 142 17.66 -11.70 -10.43
C LYS A 142 17.86 -11.99 -8.95
N GLU A 143 17.99 -13.28 -8.61
CA GLU A 143 18.06 -13.71 -7.21
C GLU A 143 16.89 -13.14 -6.40
N ASP A 144 15.73 -13.06 -7.05
CA ASP A 144 14.49 -12.60 -6.43
C ASP A 144 14.54 -11.13 -6.00
N VAL A 145 15.42 -10.34 -6.60
CA VAL A 145 15.53 -8.91 -6.29
C VAL A 145 15.13 -8.10 -7.52
N LEU A 146 14.24 -7.14 -7.31
CA LEU A 146 13.94 -6.10 -8.29
C LEU A 146 14.62 -4.80 -7.88
N LEU A 147 15.33 -4.16 -8.81
CA LEU A 147 16.02 -2.91 -8.56
C LEU A 147 15.27 -1.77 -9.23
N VAL A 148 14.85 -0.78 -8.46
CA VAL A 148 14.10 0.38 -8.94
C VAL A 148 14.96 1.61 -8.66
N ARG A 149 15.30 2.38 -9.69
CA ARG A 149 16.22 3.50 -9.56
C ARG A 149 15.50 4.81 -9.82
N CYS A 150 15.87 5.83 -9.03
CA CYS A 150 15.30 7.17 -9.17
C CYS A 150 16.44 8.17 -9.17
N GLU A 151 16.51 8.97 -10.24
CA GLU A 151 17.48 10.04 -10.40
C GLU A 151 16.70 11.31 -10.68
N VAL A 152 17.12 12.43 -10.09
CA VAL A 152 16.54 13.74 -10.39
C VAL A 152 17.67 14.60 -10.94
N THR A 153 17.39 15.29 -12.06
CA THR A 153 18.32 16.24 -12.63
C THR A 153 17.67 17.62 -12.68
N PRO A 154 18.44 18.69 -12.58
CA PRO A 154 17.84 20.03 -12.61
C PRO A 154 17.40 20.40 -14.00
N ARG A 155 16.55 21.43 -14.06
CA ARG A 155 16.16 22.04 -15.32
C ARG A 155 17.38 22.57 -16.05
N GLU B 1 -0.46 10.11 -18.53
CA GLU B 1 0.60 9.19 -18.15
C GLU B 1 1.96 9.79 -18.53
N PRO B 2 2.74 10.27 -17.54
CA PRO B 2 2.50 10.19 -16.09
C PRO B 2 1.34 11.03 -15.58
N VAL B 3 0.95 10.75 -14.33
CA VAL B 3 -0.22 11.35 -13.72
C VAL B 3 0.04 11.53 -12.24
N GLU B 4 -0.73 12.43 -11.63
CA GLU B 4 -0.77 12.58 -10.17
C GLU B 4 -1.85 11.65 -9.61
N THR B 5 -1.49 10.92 -8.55
CA THR B 5 -2.43 10.08 -7.83
C THR B 5 -2.29 10.31 -6.34
N THR B 6 -3.32 9.92 -5.60
CA THR B 6 -3.41 10.18 -4.16
C THR B 6 -3.26 8.88 -3.38
N ASP B 7 -2.38 8.89 -2.37
CA ASP B 7 -2.14 7.71 -1.52
C ASP B 7 -2.04 8.19 -0.07
N TYR B 8 -3.16 8.16 0.63
CA TYR B 8 -3.18 8.52 2.05
C TYR B 8 -2.48 7.46 2.89
N GLN C 4 -26.36 -15.77 4.10
CA GLN C 4 -25.66 -14.75 3.34
C GLN C 4 -24.47 -14.20 4.10
N TYR C 5 -24.38 -14.56 5.39
CA TYR C 5 -23.30 -14.09 6.26
C TYR C 5 -22.58 -15.25 6.96
N GLN C 6 -22.74 -16.48 6.48
CA GLN C 6 -22.16 -17.60 7.22
C GLN C 6 -20.65 -17.73 7.06
N GLY C 7 -20.03 -17.00 6.13
CA GLY C 7 -18.60 -17.15 5.90
C GLY C 7 -17.75 -16.56 7.01
N ILE C 8 -16.58 -17.16 7.21
CA ILE C 8 -15.54 -16.62 8.08
C ILE C 8 -14.25 -16.69 7.28
N TYR C 9 -13.54 -15.57 7.17
CA TYR C 9 -12.29 -15.56 6.43
C TYR C 9 -11.13 -15.37 7.39
N VAL C 10 -10.10 -16.22 7.26
CA VAL C 10 -8.85 -16.04 7.98
C VAL C 10 -7.75 -15.68 6.99
N TRP C 11 -7.20 -14.48 7.16
CA TRP C 11 -6.11 -13.99 6.33
C TRP C 11 -4.80 -14.40 6.99
N ARG C 12 -4.00 -15.23 6.32
CA ARG C 12 -2.72 -15.65 6.85
C ARG C 12 -1.65 -14.73 6.28
N VAL C 13 -1.15 -13.82 7.12
CA VAL C 13 -0.12 -12.87 6.73
C VAL C 13 1.22 -13.54 7.02
N GLU C 14 1.87 -14.05 5.98
CA GLU C 14 3.10 -14.81 6.12
C GLU C 14 4.30 -13.87 6.12
N ASN C 15 5.42 -14.38 6.66
CA ASN C 15 6.68 -13.63 6.72
C ASN C 15 6.50 -12.26 7.40
N PHE C 16 5.77 -12.27 8.53
CA PHE C 16 5.42 -11.00 9.16
C PHE C 16 6.65 -10.20 9.55
N SER C 17 7.71 -10.89 10.01
CA SER C 17 8.93 -10.22 10.43
C SER C 17 9.53 -9.37 9.32
N HIS C 18 9.33 -9.74 8.05
CA HIS C 18 9.85 -8.94 6.95
C HIS C 18 9.20 -7.56 6.93
N HIS C 19 7.87 -7.52 7.03
CA HIS C 19 7.17 -6.24 7.11
C HIS C 19 7.57 -5.49 8.37
N LEU C 20 7.68 -6.20 9.50
CA LEU C 20 8.07 -5.56 10.75
C LEU C 20 9.44 -4.90 10.65
N ARG C 21 10.40 -5.56 10.02
CA ARG C 21 11.74 -4.95 9.90
C ARG C 21 11.67 -3.65 9.10
N ASN C 22 10.88 -3.63 8.02
CA ASN C 22 10.74 -2.41 7.23
C ASN C 22 10.01 -1.32 8.01
N GLN C 23 9.00 -1.70 8.79
CA GLN C 23 8.30 -0.71 9.62
C GLN C 23 9.24 -0.10 10.65
N GLU C 24 10.09 -0.93 11.27
CA GLU C 24 11.00 -0.41 12.30
C GLU C 24 11.98 0.58 11.70
N ALA C 25 12.32 0.40 10.44
CA ALA C 25 13.21 1.31 9.72
C ALA C 25 12.52 2.59 9.27
N GLY C 26 11.21 2.71 9.48
CA GLY C 26 10.46 3.90 9.12
C GLY C 26 9.63 3.81 7.87
N GLN C 27 9.53 2.63 7.23
CA GLN C 27 8.79 2.54 5.98
C GLN C 27 7.34 2.17 6.26
N PRO C 28 6.38 2.92 5.72
CA PRO C 28 4.97 2.50 5.84
C PRO C 28 4.76 1.12 5.25
N ILE C 29 3.91 0.33 5.90
CA ILE C 29 3.51 -0.99 5.42
C ILE C 29 2.01 -0.95 5.20
N VAL C 30 1.57 -1.35 4.01
CA VAL C 30 0.15 -1.55 3.77
C VAL C 30 -0.03 -2.86 3.03
N LEU C 31 -0.88 -3.74 3.58
CA LEU C 31 -1.15 -5.05 3.03
C LEU C 31 -2.63 -5.14 2.68
N HIS C 32 -2.92 -5.89 1.62
CA HIS C 32 -4.27 -6.06 1.10
C HIS C 32 -4.56 -7.55 0.97
N SER C 33 -5.70 -7.98 1.52
CA SER C 33 -6.04 -9.40 1.55
C SER C 33 -6.57 -9.86 0.19
N PRO C 34 -6.56 -11.16 -0.04
CA PRO C 34 -7.40 -11.71 -1.10
C PRO C 34 -8.84 -11.32 -0.85
N PRO C 35 -9.65 -11.16 -1.89
CA PRO C 35 -11.08 -10.97 -1.70
C PRO C 35 -11.73 -12.24 -1.14
N PHE C 36 -12.88 -12.03 -0.50
CA PHE C 36 -13.64 -13.16 0.02
C PHE C 36 -15.12 -12.77 0.10
N TYR C 37 -15.99 -13.79 0.03
CA TYR C 37 -17.43 -13.55 0.11
C TYR C 37 -17.96 -13.90 1.49
N THR C 38 -18.97 -13.14 1.93
CA THR C 38 -19.62 -13.45 3.20
C THR C 38 -20.50 -14.68 3.11
N GLY C 39 -20.82 -15.11 1.90
CA GLY C 39 -21.71 -16.24 1.68
C GLY C 39 -21.94 -16.38 0.19
N ARG C 40 -22.70 -17.41 -0.16
CA ARG C 40 -23.06 -17.68 -1.55
C ARG C 40 -24.56 -17.94 -1.62
N PRO C 41 -25.37 -16.93 -2.00
CA PRO C 41 -24.97 -15.58 -2.36
C PRO C 41 -24.49 -14.77 -1.16
N GLY C 42 -23.75 -13.70 -1.41
CA GLY C 42 -23.22 -12.91 -0.33
C GLY C 42 -22.42 -11.74 -0.86
N TYR C 43 -21.91 -10.95 0.07
CA TYR C 43 -21.16 -9.73 -0.24
C TYR C 43 -19.68 -10.06 -0.46
N LYS C 44 -19.07 -9.37 -1.42
CA LYS C 44 -17.64 -9.50 -1.67
C LYS C 44 -16.89 -8.42 -0.91
N LEU C 45 -15.90 -8.83 -0.12
CA LEU C 45 -15.14 -7.96 0.76
C LEU C 45 -13.65 -8.21 0.63
N CYS C 46 -12.87 -7.25 1.15
CA CYS C 46 -11.43 -7.42 1.31
C CYS C 46 -11.00 -6.63 2.53
N LEU C 47 -9.79 -6.90 3.01
CA LEU C 47 -9.23 -6.21 4.16
C LEU C 47 -7.99 -5.43 3.76
N ARG C 48 -7.76 -4.35 4.50
CA ARG C 48 -6.57 -3.53 4.33
C ARG C 48 -5.92 -3.40 5.70
N LEU C 49 -4.64 -3.75 5.78
CA LEU C 49 -3.92 -3.71 7.05
C LEU C 49 -2.74 -2.77 6.90
N HIS C 50 -2.55 -1.87 7.86
CA HIS C 50 -1.39 -0.99 7.87
C HIS C 50 -0.51 -1.34 9.07
N LEU C 51 0.81 -1.25 8.90
CA LEU C 51 1.69 -1.00 10.03
C LEU C 51 2.10 0.46 9.94
N GLN C 52 1.64 1.27 10.88
CA GLN C 52 1.98 2.68 10.91
C GLN C 52 3.43 2.88 11.32
N THR C 53 4.06 3.92 10.76
CA THR C 53 5.47 4.18 11.02
C THR C 53 5.70 4.57 12.49
N PRO C 54 6.95 4.52 12.95
CA PRO C 54 7.23 4.94 14.34
C PRO C 54 6.98 6.41 14.59
N SER C 55 6.81 7.21 13.54
CA SER C 55 6.62 8.65 13.64
C SER C 55 5.20 9.10 13.34
N ALA C 56 4.31 8.19 12.95
CA ALA C 56 2.97 8.56 12.48
C ALA C 56 2.22 9.29 13.60
N PRO C 57 1.76 10.52 13.39
CA PRO C 57 0.99 11.21 14.43
C PRO C 57 -0.24 10.41 14.83
N ARG C 58 -0.45 10.33 16.15
CA ARG C 58 -1.65 9.75 16.76
C ARG C 58 -1.78 8.24 16.67
N CYS C 59 -1.01 7.58 15.79
CA CYS C 59 -1.17 6.13 15.66
C CYS C 59 0.16 5.44 15.37
N SER C 60 1.28 6.04 15.78
CA SER C 60 2.60 5.44 15.56
C SER C 60 2.64 4.01 16.09
N ASN C 61 3.22 3.11 15.30
CA ASN C 61 3.48 1.74 15.71
C ASN C 61 2.23 0.89 15.88
N PHE C 62 1.08 1.33 15.36
CA PHE C 62 -0.15 0.52 15.35
C PHE C 62 -0.32 -0.31 14.08
N ILE C 63 -0.94 -1.46 14.27
CA ILE C 63 -1.69 -2.12 13.21
C ILE C 63 -3.02 -1.39 13.06
N SER C 64 -3.35 -1.01 11.83
CA SER C 64 -4.67 -0.49 11.47
C SER C 64 -5.33 -1.53 10.59
N LEU C 65 -6.66 -1.62 10.68
CA LEU C 65 -7.37 -2.65 9.92
C LEU C 65 -8.71 -2.12 9.45
N PHE C 66 -8.95 -2.24 8.13
CA PHE C 66 -10.17 -1.73 7.51
C PHE C 66 -10.79 -2.77 6.60
N VAL C 67 -12.13 -2.75 6.54
CA VAL C 67 -12.90 -3.57 5.61
C VAL C 67 -13.35 -2.70 4.44
N HIS C 68 -13.23 -3.25 3.22
CA HIS C 68 -13.72 -2.63 1.99
C HIS C 68 -14.61 -3.60 1.23
N THR C 69 -15.66 -3.07 0.60
CA THR C 69 -16.46 -3.88 -0.31
C THR C 69 -15.85 -3.88 -1.72
N MET C 70 -16.23 -4.88 -2.49
CA MET C 70 -15.87 -4.98 -3.89
C MET C 70 -17.12 -5.34 -4.67
N GLN C 71 -17.10 -5.09 -5.96
CA GLN C 71 -18.20 -5.51 -6.81
C GLN C 71 -18.19 -7.02 -6.87
N GLY C 72 -19.30 -7.65 -6.47
CA GLY C 72 -19.39 -9.09 -6.38
C GLY C 72 -20.44 -9.66 -7.31
N GLU C 73 -20.33 -10.99 -7.51
CA GLU C 73 -21.18 -11.70 -8.46
C GLU C 73 -22.66 -11.58 -8.12
N PHE C 74 -23.00 -11.36 -6.84
CA PHE C 74 -24.39 -11.40 -6.39
C PHE C 74 -24.95 -10.04 -6.04
N ASP C 75 -24.27 -8.95 -6.40
CA ASP C 75 -24.68 -7.63 -5.90
C ASP C 75 -26.11 -7.27 -6.29
N SER C 76 -26.58 -7.71 -7.45
CA SER C 76 -27.92 -7.34 -7.89
C SER C 76 -29.01 -8.04 -7.09
N GLN C 77 -28.68 -9.08 -6.32
CA GLN C 77 -29.68 -9.78 -5.52
C GLN C 77 -29.49 -9.59 -4.02
N LEU C 78 -28.73 -8.56 -3.62
CA LEU C 78 -28.47 -8.25 -2.22
C LEU C 78 -29.05 -6.89 -1.88
N SER C 79 -29.43 -6.71 -0.62
CA SER C 79 -29.82 -5.38 -0.15
C SER C 79 -28.61 -4.50 0.08
N TRP C 80 -28.79 -3.22 -0.17
CA TRP C 80 -27.75 -2.21 0.01
C TRP C 80 -28.37 -1.02 0.72
N PRO C 81 -27.69 -0.41 1.69
CA PRO C 81 -26.32 -0.70 2.12
C PRO C 81 -26.17 -2.02 2.87
N LEU C 82 -24.94 -2.51 2.90
CA LEU C 82 -24.59 -3.65 3.74
C LEU C 82 -24.82 -3.30 5.21
N GLN C 83 -25.65 -4.09 5.88
CA GLN C 83 -25.95 -3.88 7.29
C GLN C 83 -25.69 -5.15 8.06
N GLY C 84 -25.09 -4.99 9.24
CA GLY C 84 -24.81 -6.13 10.10
C GLY C 84 -23.72 -5.77 11.08
N THR C 85 -23.11 -6.82 11.65
CA THR C 85 -22.05 -6.67 12.63
C THR C 85 -20.80 -7.36 12.09
N ILE C 86 -19.68 -6.64 12.09
CA ILE C 86 -18.42 -7.16 11.59
C ILE C 86 -17.51 -7.40 12.78
N ARG C 87 -16.96 -8.60 12.87
CA ARG C 87 -16.03 -8.96 13.95
C ARG C 87 -14.65 -9.15 13.32
N LEU C 88 -13.71 -8.33 13.73
CA LEU C 88 -12.34 -8.38 13.23
C LEU C 88 -11.43 -8.82 14.37
N ALA C 89 -10.50 -9.73 14.08
CA ALA C 89 -9.68 -10.31 15.13
C ALA C 89 -8.26 -10.56 14.64
N VAL C 90 -7.31 -10.40 15.57
CA VAL C 90 -5.99 -11.01 15.46
C VAL C 90 -5.97 -12.20 16.39
N LEU C 91 -5.62 -13.37 15.87
CA LEU C 91 -5.83 -14.62 16.59
C LEU C 91 -4.64 -15.02 17.43
N ASP C 92 -4.94 -15.62 18.58
CA ASP C 92 -3.98 -16.27 19.46
C ASP C 92 -4.09 -17.77 19.19
N GLN C 93 -3.09 -18.34 18.51
CA GLN C 93 -3.11 -19.75 18.15
C GLN C 93 -2.94 -20.68 19.35
N VAL C 94 -2.43 -20.18 20.48
CA VAL C 94 -2.03 -21.01 21.60
C VAL C 94 -3.08 -21.04 22.70
N GLU C 95 -3.48 -19.87 23.19
CA GLU C 95 -4.33 -19.77 24.38
C GLU C 95 -5.72 -19.25 24.08
N GLY C 96 -6.05 -18.98 22.82
CA GLY C 96 -7.38 -18.50 22.49
C GLY C 96 -7.69 -17.09 22.91
N GLN C 97 -6.71 -16.32 23.36
CA GLN C 97 -6.94 -14.96 23.83
C GLN C 97 -6.93 -13.97 22.67
N HIS C 98 -7.85 -14.17 21.72
CA HIS C 98 -7.84 -13.36 20.51
C HIS C 98 -8.12 -11.91 20.83
N HIS C 99 -7.55 -11.02 20.02
CA HIS C 99 -7.84 -9.59 20.11
C HIS C 99 -8.96 -9.30 19.11
N ILE C 100 -10.15 -8.99 19.61
CA ILE C 100 -11.35 -8.89 18.79
C ILE C 100 -11.94 -7.51 18.95
N GLU C 101 -12.33 -6.91 17.82
CA GLU C 101 -13.19 -5.74 17.81
C GLU C 101 -14.50 -6.12 17.14
N VAL C 102 -15.61 -5.61 17.67
CA VAL C 102 -16.94 -5.84 17.14
C VAL C 102 -17.49 -4.51 16.70
N MET C 103 -17.89 -4.39 15.44
CA MET C 103 -18.38 -3.10 14.97
C MET C 103 -19.63 -3.29 14.12
N GLU C 104 -20.66 -2.52 14.43
CA GLU C 104 -21.84 -2.50 13.59
C GLU C 104 -21.55 -1.62 12.39
N THR C 105 -22.08 -2.00 11.23
CA THR C 105 -21.98 -1.12 10.09
C THR C 105 -22.77 0.16 10.35
N LYS C 106 -22.41 1.20 9.61
CA LYS C 106 -23.12 2.48 9.66
C LYS C 106 -23.74 2.69 8.28
N PRO C 107 -25.06 2.58 8.15
CA PRO C 107 -25.68 2.57 6.81
C PRO C 107 -25.67 3.91 6.10
N ASP C 108 -25.25 4.99 6.75
CA ASP C 108 -25.15 6.26 6.05
C ASP C 108 -23.80 6.46 5.37
N LEU C 109 -22.84 5.57 5.59
CA LEU C 109 -21.47 5.78 5.10
C LEU C 109 -21.30 5.19 3.71
N GLN C 110 -20.50 5.86 2.89
CA GLN C 110 -20.25 5.37 1.54
C GLN C 110 -19.53 4.01 1.54
N ALA C 111 -18.80 3.69 2.61
CA ALA C 111 -18.13 2.39 2.65
C ALA C 111 -19.10 1.22 2.57
N PHE C 112 -20.38 1.44 2.87
CA PHE C 112 -21.34 0.35 2.91
C PHE C 112 -22.36 0.39 1.78
N GLN C 113 -22.26 1.32 0.83
CA GLN C 113 -23.24 1.42 -0.24
C GLN C 113 -22.86 0.48 -1.39
N ARG C 114 -23.82 0.23 -2.28
CA ARG C 114 -23.53 -0.65 -3.41
C ARG C 114 -22.30 -0.15 -4.16
N PRO C 115 -21.28 -0.97 -4.35
CA PRO C 115 -20.07 -0.47 -5.02
C PRO C 115 -20.31 -0.27 -6.51
N THR C 116 -19.79 0.83 -7.02
CA THR C 116 -19.87 1.16 -8.44
C THR C 116 -18.51 1.09 -9.12
N VAL C 117 -17.47 0.72 -8.37
CA VAL C 117 -16.14 0.45 -8.90
C VAL C 117 -15.70 -0.88 -8.30
N MET C 118 -14.65 -1.46 -8.90
CA MET C 118 -14.23 -2.81 -8.52
C MET C 118 -13.99 -2.93 -7.01
N ARG C 119 -13.25 -1.99 -6.44
CA ARG C 119 -12.98 -1.98 -5.01
C ARG C 119 -13.33 -0.60 -4.47
N ASN C 120 -14.23 -0.54 -3.52
CA ASN C 120 -14.62 0.74 -2.95
C ASN C 120 -13.42 1.34 -2.23
N PRO C 121 -12.96 2.54 -2.60
CA PRO C 121 -11.82 3.14 -1.87
C PRO C 121 -12.14 3.55 -0.45
N LYS C 122 -13.41 3.70 -0.09
CA LYS C 122 -13.80 4.00 1.28
C LYS C 122 -13.91 2.69 2.06
N GLY C 123 -13.14 2.58 3.14
CA GLY C 123 -13.17 1.42 4.01
C GLY C 123 -13.55 1.83 5.43
N PHE C 124 -13.88 0.83 6.24
CA PHE C 124 -14.32 1.11 7.60
C PHE C 124 -13.58 0.22 8.58
N GLY C 125 -13.14 0.80 9.69
CA GLY C 125 -12.33 0.00 10.61
C GLY C 125 -11.58 0.86 11.61
N TYR C 126 -10.44 0.33 12.07
CA TYR C 126 -9.76 0.86 13.25
C TYR C 126 -8.37 1.36 12.86
N VAL C 127 -8.12 2.64 13.08
CA VAL C 127 -6.77 3.17 12.95
C VAL C 127 -5.87 2.58 14.03
N THR C 128 -6.38 2.46 15.24
CA THR C 128 -5.60 1.90 16.34
C THR C 128 -6.10 0.51 16.71
N PHE C 129 -6.00 -0.42 15.75
CA PHE C 129 -6.54 -1.76 15.97
C PHE C 129 -5.75 -2.52 17.04
N LEU C 130 -4.42 -2.60 16.90
CA LEU C 130 -3.61 -3.35 17.86
C LEU C 130 -2.20 -2.78 17.80
N HIS C 131 -1.65 -2.37 18.94
CA HIS C 131 -0.32 -1.80 18.94
C HIS C 131 0.74 -2.89 18.76
N LEU C 132 1.80 -2.58 18.00
CA LEU C 132 2.83 -3.58 17.74
C LEU C 132 3.52 -4.06 19.02
N GLN C 133 3.64 -3.20 20.02
CA GLN C 133 4.24 -3.61 21.28
C GLN C 133 3.32 -4.59 22.02
N ALA C 134 2.00 -4.39 21.91
CA ALA C 134 1.06 -5.30 22.55
C ALA C 134 1.05 -6.65 21.85
N LEU C 135 1.17 -6.64 20.52
CA LEU C 135 1.29 -7.88 19.76
C LEU C 135 2.57 -8.62 20.14
N ARG C 136 3.67 -7.89 20.27
CA ARG C 136 4.93 -8.54 20.59
C ARG C 136 4.88 -9.16 21.98
N GLN C 137 4.35 -8.44 22.97
CA GLN C 137 4.31 -8.95 24.34
C GLN C 137 3.40 -10.15 24.46
N ARG C 138 2.33 -10.21 23.66
CA ARG C 138 1.41 -11.34 23.72
C ARG C 138 1.91 -12.54 22.92
N GLY C 139 2.82 -12.32 21.97
CA GLY C 139 3.41 -13.40 21.21
C GLY C 139 2.46 -14.09 20.25
N PHE C 140 1.48 -13.37 19.69
CA PHE C 140 0.50 -14.01 18.82
C PHE C 140 1.09 -14.42 17.48
N VAL C 141 2.15 -13.76 17.01
CA VAL C 141 2.81 -14.19 15.77
C VAL C 141 3.57 -15.49 16.04
N LYS C 142 3.27 -16.51 15.25
CA LYS C 142 3.83 -17.85 15.43
C LYS C 142 4.29 -18.36 14.07
N GLU C 143 5.51 -18.89 14.00
CA GLU C 143 6.11 -19.29 12.73
C GLU C 143 6.06 -18.15 11.70
N ASP C 144 6.18 -16.93 12.21
CA ASP C 144 6.21 -15.70 11.42
C ASP C 144 4.90 -15.41 10.70
N VAL C 145 3.78 -15.96 11.18
CA VAL C 145 2.47 -15.74 10.56
C VAL C 145 1.59 -14.95 11.51
N LEU C 146 0.97 -13.89 11.01
CA LEU C 146 -0.08 -13.15 11.71
C LEU C 146 -1.43 -13.55 11.11
N LEU C 147 -2.39 -13.89 11.97
CA LEU C 147 -3.70 -14.36 11.54
C LEU C 147 -4.75 -13.28 11.81
N VAL C 148 -5.44 -12.84 10.76
CA VAL C 148 -6.45 -11.80 10.82
C VAL C 148 -7.77 -12.40 10.38
N ARG C 149 -8.79 -12.33 11.24
CA ARG C 149 -10.07 -12.97 10.98
C ARG C 149 -11.18 -11.94 10.79
N CYS C 150 -12.08 -12.20 9.84
CA CYS C 150 -13.22 -11.34 9.58
C CYS C 150 -14.48 -12.17 9.43
N GLU C 151 -15.52 -11.82 10.20
CA GLU C 151 -16.81 -12.47 10.13
C GLU C 151 -17.89 -11.39 10.13
N VAL C 152 -18.89 -11.53 9.27
CA VAL C 152 -20.01 -10.60 9.21
C VAL C 152 -21.26 -11.36 9.63
N THR C 153 -22.05 -10.77 10.52
CA THR C 153 -23.30 -11.35 10.98
C THR C 153 -24.45 -10.40 10.70
N PRO C 154 -25.66 -10.92 10.43
CA PRO C 154 -26.81 -10.06 10.12
C PRO C 154 -27.35 -9.30 11.33
N GLU D 1 -13.68 5.96 16.16
CA GLU D 1 -13.01 4.67 16.14
C GLU D 1 -14.02 3.57 16.52
N PRO D 2 -14.50 2.78 15.55
CA PRO D 2 -14.06 2.72 14.15
C PRO D 2 -14.42 3.96 13.33
N VAL D 3 -13.76 4.11 12.18
CA VAL D 3 -13.89 5.28 11.31
C VAL D 3 -13.82 4.83 9.86
N GLU D 4 -14.34 5.68 8.98
CA GLU D 4 -14.18 5.53 7.54
C GLU D 4 -12.90 6.24 7.11
N THR D 5 -12.10 5.56 6.28
CA THR D 5 -10.90 6.14 5.70
C THR D 5 -10.85 5.78 4.23
N THR D 6 -10.05 6.52 3.48
CA THR D 6 -10.00 6.37 2.03
C THR D 6 -8.65 5.80 1.60
N ASP D 7 -8.70 4.83 0.70
CA ASP D 7 -7.50 4.17 0.18
C ASP D 7 -7.80 3.88 -1.29
N TYR D 8 -7.27 4.70 -2.19
CA TYR D 8 -7.53 4.52 -3.61
C TYR D 8 -6.73 3.37 -4.18
#